data_4AVI
#
_entry.id   4AVI
#
_cell.length_a   90.620
_cell.length_b   90.620
_cell.length_c   79.700
_cell.angle_alpha   90.00
_cell.angle_beta   90.00
_cell.angle_gamma   120.00
#
_symmetry.space_group_name_H-M   'P 31 2 1'
#
loop_
_entity.id
_entity.type
_entity.pdbx_description
1 polymer FIMH
2 non-polymer 'METHYL ESTER OCTYL ALPHA-1O-D-MANNOPYRANNOSIDE'
3 non-polymer 'SULFATE ION'
4 non-polymer 'NICKEL (II) ION'
5 water water
#
_entity_poly.entity_id   1
_entity_poly.type   'polypeptide(L)'
_entity_poly.pdbx_seq_one_letter_code
;FACKTANGTAIPIGGGSANVYVNLAPVVNVGQNLVVDLSTQIFCHNDYPETITDYVTLQRGSAYGGVLSNFSGTVKYSGS
SYPFPTTSETPRVVYNSRTDKPWPVALYLTPVSSAGGVAIKAGSLIAVLILRQTNNYNSDDFQFVWNIYANNDVVVPT
;
_entity_poly.pdbx_strand_id   A,B
#
loop_
_chem_comp.id
_chem_comp.type
_chem_comp.name
_chem_comp.formula
NI non-polymer 'NICKEL (II) ION' 'Ni 2'
SO4 non-polymer 'SULFATE ION' 'O4 S -2'
XNS non-polymer 'METHYL ESTER OCTYL ALPHA-1O-D-MANNOPYRANNOSIDE' 'C16 H30 O8'
#
# COMPACT_ATOMS: atom_id res chain seq x y z
N PHE A 1 19.12 10.04 17.53
CA PHE A 1 18.40 9.82 16.26
C PHE A 1 18.28 11.11 15.46
N ALA A 2 18.73 11.06 14.23
CA ALA A 2 18.53 12.15 13.31
C ALA A 2 18.46 11.62 11.87
N CYS A 3 18.06 12.47 10.94
CA CYS A 3 17.88 12.08 9.56
CA CYS A 3 17.89 12.06 9.57
C CYS A 3 18.45 13.09 8.61
N LYS A 4 18.65 12.68 7.38
CA LYS A 4 19.22 13.57 6.39
C LYS A 4 18.77 13.09 5.05
N THR A 5 18.81 13.97 4.05
CA THR A 5 18.41 13.62 2.71
C THR A 5 19.64 13.33 1.86
N ALA A 6 19.44 12.44 0.90
CA ALA A 6 20.46 11.89 0.01
C ALA A 6 21.50 12.90 -0.35
N ASN A 7 21.01 14.01 -0.87
CA ASN A 7 21.89 14.98 -1.44
C ASN A 7 21.63 16.45 -1.10
N GLY A 8 21.31 16.65 0.16
CA GLY A 8 20.94 17.94 0.65
C GLY A 8 20.99 17.92 2.16
N THR A 9 19.84 18.14 2.76
CA THR A 9 19.77 18.67 4.09
C THR A 9 19.55 17.64 5.19
N ALA A 10 19.49 18.12 6.41
CA ALA A 10 19.38 17.29 7.60
C ALA A 10 18.31 17.83 8.56
N ILE A 11 17.68 16.91 9.28
CA ILE A 11 16.88 17.26 10.45
C ILE A 11 17.63 16.71 11.65
N PRO A 12 17.93 17.57 12.61
CA PRO A 12 18.80 17.07 13.69
C PRO A 12 18.01 16.41 14.82
N ILE A 13 18.76 15.85 15.76
CA ILE A 13 18.22 15.37 17.03
C ILE A 13 17.12 16.31 17.54
N GLY A 14 15.98 15.74 17.96
CA GLY A 14 14.87 16.54 18.47
C GLY A 14 13.78 16.83 17.46
N GLY A 15 14.06 16.54 16.19
CA GLY A 15 13.06 16.69 15.15
C GLY A 15 13.06 18.07 14.55
N GLY A 16 12.08 18.30 13.68
CA GLY A 16 12.11 19.47 12.84
C GLY A 16 11.53 19.14 11.48
N SER A 17 11.84 19.99 10.50
CA SER A 17 11.19 19.94 9.20
CA SER A 17 11.18 19.93 9.20
C SER A 17 12.20 20.09 8.08
N ALA A 18 11.85 19.56 6.91
CA ALA A 18 12.72 19.69 5.76
C ALA A 18 11.93 19.50 4.51
N ASN A 19 12.45 20.11 3.44
CA ASN A 19 11.80 20.10 2.14
C ASN A 19 12.58 19.17 1.24
N VAL A 20 11.86 18.32 0.51
CA VAL A 20 12.44 17.26 -0.33
C VAL A 20 11.84 17.34 -1.73
N TYR A 21 12.70 17.38 -2.75
CA TYR A 21 12.24 17.39 -4.14
C TYR A 21 12.35 16.01 -4.78
N VAL A 22 11.33 15.60 -5.53
CA VAL A 22 11.34 14.28 -6.11
C VAL A 22 11.12 14.38 -7.62
N ASN A 23 11.79 13.50 -8.35
CA ASN A 23 11.58 13.33 -9.77
C ASN A 23 10.38 12.45 -10.03
N LEU A 24 9.54 12.84 -10.97
CA LEU A 24 8.29 12.16 -11.23
C LEU A 24 8.27 11.88 -12.70
N ALA A 25 7.78 10.70 -13.09
CA ALA A 25 7.58 10.42 -14.51
C ALA A 25 6.73 11.56 -15.13
N PRO A 26 7.15 12.08 -16.29
CA PRO A 26 6.50 13.30 -16.85
C PRO A 26 5.13 13.04 -17.49
N VAL A 27 4.89 11.76 -17.77
CA VAL A 27 3.65 11.33 -18.41
C VAL A 27 3.15 10.07 -17.72
N VAL A 28 1.93 10.11 -17.22
CA VAL A 28 1.34 8.92 -16.61
C VAL A 28 -0.13 8.86 -17.07
N ASN A 29 -0.59 7.66 -17.42
CA ASN A 29 -2.00 7.46 -17.82
C ASN A 29 -2.88 6.95 -16.70
N VAL A 30 -4.19 7.06 -16.92
CA VAL A 30 -5.16 6.39 -16.06
C VAL A 30 -4.83 4.91 -16.06
N GLY A 31 -4.78 4.35 -14.86
CA GLY A 31 -4.47 2.94 -14.67
C GLY A 31 -3.00 2.67 -14.36
N GLN A 32 -2.14 3.67 -14.55
CA GLN A 32 -0.70 3.52 -14.28
C GLN A 32 -0.30 4.20 -12.97
N ASN A 33 0.82 3.76 -12.40
CA ASN A 33 1.32 4.37 -11.18
C ASN A 33 2.50 5.30 -11.39
N LEU A 34 2.49 6.46 -10.73
CA LEU A 34 3.73 7.14 -10.36
C LEU A 34 4.19 6.46 -9.08
N VAL A 35 5.44 6.01 -9.05
CA VAL A 35 6.07 5.52 -7.83
C VAL A 35 7.02 6.60 -7.30
N VAL A 36 6.78 7.10 -6.09
CA VAL A 36 7.71 8.05 -5.49
C VAL A 36 8.43 7.34 -4.35
N ASP A 37 9.63 6.85 -4.62
CA ASP A 37 10.36 6.06 -3.61
C ASP A 37 11.30 6.93 -2.78
N LEU A 38 10.92 7.20 -1.55
CA LEU A 38 11.69 8.11 -0.70
C LEU A 38 12.81 7.36 0.00
N SER A 39 12.89 6.06 -0.15
CA SER A 39 13.91 5.32 0.59
C SER A 39 15.30 5.53 -0.02
N THR A 40 15.35 6.01 -1.26
CA THR A 40 16.62 6.43 -1.85
C THR A 40 16.98 7.91 -1.50
N GLN A 41 16.19 8.58 -0.67
CA GLN A 41 16.42 10.00 -0.36
C GLN A 41 16.48 10.34 1.12
N ILE A 42 15.70 9.66 1.95
CA ILE A 42 15.69 9.96 3.36
C ILE A 42 16.33 8.81 4.10
N PHE A 43 17.33 9.15 4.93
CA PHE A 43 18.17 8.20 5.66
C PHE A 43 18.23 8.65 7.11
N CYS A 44 18.12 7.70 8.04
CA CYS A 44 18.18 8.03 9.46
CA CYS A 44 18.17 8.03 9.47
C CYS A 44 19.16 7.10 10.16
N HIS A 45 19.57 7.49 11.37
CA HIS A 45 20.44 6.62 12.16
C HIS A 45 20.16 6.77 13.65
N ASN A 46 20.56 5.75 14.41
CA ASN A 46 20.50 5.72 15.87
C ASN A 46 21.86 6.21 16.35
N ASP A 47 21.87 7.20 17.24
CA ASP A 47 23.12 7.75 17.78
C ASP A 47 23.75 7.00 18.98
N TYR A 48 23.04 6.02 19.54
CA TYR A 48 23.56 5.26 20.68
C TYR A 48 23.01 3.85 20.66
N PRO A 49 23.30 3.10 19.60
CA PRO A 49 22.65 1.80 19.38
C PRO A 49 22.92 0.79 20.50
N GLU A 50 23.98 1.00 21.28
CA GLU A 50 24.40 0.01 22.29
C GLU A 50 23.52 0.07 23.53
N THR A 51 22.88 1.19 23.76
CA THR A 51 22.07 1.32 24.96
C THR A 51 20.62 1.65 24.64
N ILE A 52 20.41 2.24 23.47
CA ILE A 52 19.10 2.73 23.12
C ILE A 52 18.60 2.09 21.86
N THR A 53 17.32 1.74 21.86
CA THR A 53 16.63 1.35 20.64
C THR A 53 15.65 2.44 20.19
N ASP A 54 15.78 2.87 18.94
CA ASP A 54 14.86 3.85 18.35
C ASP A 54 13.74 3.17 17.55
N TYR A 55 12.52 3.69 17.70
CA TYR A 55 11.34 3.21 16.99
C TYR A 55 10.82 4.29 16.05
N VAL A 56 10.60 3.94 14.79
CA VAL A 56 10.22 4.91 13.79
C VAL A 56 8.97 4.47 13.02
N THR A 57 7.95 5.33 13.03
CA THR A 57 6.72 5.10 12.29
C THR A 57 6.47 6.18 11.25
N LEU A 58 5.69 5.86 10.24
CA LEU A 58 5.01 6.87 9.44
C LEU A 58 3.74 7.25 10.19
N GLN A 59 3.76 8.44 10.81
CA GLN A 59 2.68 8.85 11.68
C GLN A 59 1.48 9.25 10.85
N ARG A 60 1.79 9.87 9.73
CA ARG A 60 0.76 10.40 8.88
C ARG A 60 1.34 10.76 7.51
N GLY A 61 0.53 10.53 6.48
CA GLY A 61 0.85 10.94 5.13
C GLY A 61 -0.34 11.72 4.61
N SER A 62 -0.04 12.87 4.02
CA SER A 62 -1.02 13.79 3.49
C SER A 62 -0.66 14.22 2.09
N ALA A 63 -1.70 14.41 1.27
CA ALA A 63 -1.58 14.82 -0.11
C ALA A 63 -1.94 16.28 -0.25
N TYR A 64 -1.32 16.94 -1.22
CA TYR A 64 -1.50 18.35 -1.46
C TYR A 64 -1.52 18.63 -2.98
N GLY A 65 -2.04 19.78 -3.34
CA GLY A 65 -2.00 20.24 -4.70
C GLY A 65 -2.59 19.26 -5.68
N GLY A 66 -1.83 18.99 -6.73
CA GLY A 66 -2.29 18.16 -7.83
C GLY A 66 -2.41 16.71 -7.45
N VAL A 67 -1.65 16.29 -6.42
CA VAL A 67 -1.78 14.91 -5.96
C VAL A 67 -3.10 14.79 -5.22
N LEU A 68 -3.32 15.64 -4.25
CA LEU A 68 -4.61 15.65 -3.57
C LEU A 68 -5.77 15.73 -4.56
N SER A 69 -5.64 16.52 -5.62
CA SER A 69 -6.79 16.76 -6.51
C SER A 69 -6.95 15.77 -7.66
N ASN A 70 -5.87 15.15 -8.13
CA ASN A 70 -5.87 14.41 -9.39
C ASN A 70 -5.38 12.94 -9.28
N PHE A 71 -5.06 12.50 -8.07
CA PHE A 71 -4.55 11.14 -7.90
C PHE A 71 -5.18 10.44 -6.71
N SER A 72 -5.18 9.12 -6.82
CA SER A 72 -5.59 8.23 -5.76
C SER A 72 -4.28 7.53 -5.42
N GLY A 73 -4.12 7.09 -4.17
CA GLY A 73 -2.80 6.68 -3.70
C GLY A 73 -2.76 5.61 -2.63
N THR A 74 -1.65 4.89 -2.61
CA THR A 74 -1.32 4.04 -1.48
C THR A 74 0.11 4.36 -1.03
N VAL A 75 0.39 4.04 0.22
CA VAL A 75 1.75 4.19 0.69
C VAL A 75 2.28 2.87 1.19
N LYS A 76 3.49 2.54 0.77
CA LYS A 76 4.17 1.35 1.27
C LYS A 76 5.19 1.75 2.34
N TYR A 77 5.04 1.19 3.53
CA TYR A 77 5.97 1.48 4.60
C TYR A 77 6.54 0.19 5.15
N SER A 78 7.84 0.00 4.98
CA SER A 78 8.54 -1.19 5.44
C SER A 78 7.82 -2.48 5.12
N GLY A 79 7.50 -2.73 3.86
CA GLY A 79 6.86 -4.00 3.49
C GLY A 79 5.32 -4.12 3.55
N SER A 80 4.62 -3.12 4.09
CA SER A 80 3.16 -3.11 4.13
C SER A 80 2.56 -1.89 3.42
N SER A 81 1.32 -2.03 2.98
CA SER A 81 0.65 -1.02 2.18
C SER A 81 -0.53 -0.39 2.89
N TYR A 82 -0.75 0.90 2.62
CA TYR A 82 -1.83 1.62 3.25
C TYR A 82 -2.42 2.66 2.31
N PRO A 83 -3.65 3.09 2.59
CA PRO A 83 -4.23 4.20 1.87
C PRO A 83 -3.34 5.41 2.00
N PHE A 84 -3.26 6.22 0.95
CA PHE A 84 -2.56 7.48 1.03
C PHE A 84 -3.51 8.45 0.40
N PRO A 85 -3.95 9.48 1.14
CA PRO A 85 -3.62 9.85 2.53
C PRO A 85 -3.88 8.76 3.56
N THR A 86 -3.07 8.75 4.60
CA THR A 86 -3.14 7.67 5.57
C THR A 86 -4.36 7.81 6.51
N THR A 87 -4.74 6.70 7.14
CA THR A 87 -5.90 6.70 8.02
C THR A 87 -5.46 6.40 9.44
N SER A 88 -4.19 6.09 9.62
CA SER A 88 -3.65 5.99 10.97
C SER A 88 -2.13 5.82 10.94
N GLU A 89 -1.52 5.94 12.12
CA GLU A 89 -0.11 5.70 12.31
C GLU A 89 0.20 4.21 12.09
N THR A 90 1.39 3.94 11.54
CA THR A 90 1.79 2.62 11.11
C THR A 90 2.48 1.90 12.23
N PRO A 91 2.71 0.60 12.04
CA PRO A 91 3.60 -0.10 12.98
C PRO A 91 4.99 0.54 12.90
N ARG A 92 5.86 0.15 13.81
CA ARG A 92 7.15 0.77 13.92
C ARG A 92 8.22 -0.07 13.30
N VAL A 93 9.27 0.65 12.93
CA VAL A 93 10.48 0.10 12.37
C VAL A 93 11.62 0.41 13.34
N VAL A 94 12.51 -0.56 13.53
CA VAL A 94 13.58 -0.39 14.50
C VAL A 94 14.85 0.21 13.87
N TYR A 95 15.38 1.27 14.49
CA TYR A 95 16.69 1.76 14.11
C TYR A 95 17.64 1.37 15.25
N ASN A 96 18.64 0.56 14.93
CA ASN A 96 19.52 -0.01 15.94
C ASN A 96 20.99 0.05 15.52
N SER A 97 21.32 0.99 14.65
CA SER A 97 22.68 1.11 14.12
C SER A 97 23.06 2.57 13.91
N ARG A 98 24.36 2.85 13.97
CA ARG A 98 24.86 4.20 13.72
C ARG A 98 24.96 4.48 12.22
N THR A 99 24.99 3.41 11.43
CA THR A 99 24.98 3.51 9.99
C THR A 99 23.62 3.96 9.47
N ASP A 100 23.66 4.85 8.48
CA ASP A 100 22.47 5.36 7.84
C ASP A 100 21.68 4.23 7.25
N LYS A 101 20.38 4.26 7.51
CA LYS A 101 19.52 3.26 6.96
C LYS A 101 18.35 4.01 6.33
N PRO A 102 17.88 3.53 5.19
CA PRO A 102 16.79 4.30 4.57
C PRO A 102 15.53 4.36 5.44
N TRP A 103 14.74 5.41 5.27
CA TRP A 103 13.37 5.43 5.76
C TRP A 103 12.52 4.77 4.68
N PRO A 104 11.98 3.57 4.94
CA PRO A 104 11.39 2.79 3.85
C PRO A 104 9.94 3.18 3.50
N VAL A 105 9.78 4.31 2.83
CA VAL A 105 8.47 4.84 2.46
C VAL A 105 8.43 5.03 0.94
N ALA A 106 7.32 4.65 0.31
CA ALA A 106 7.10 4.87 -1.12
C ALA A 106 5.62 5.16 -1.40
N LEU A 107 5.36 6.17 -2.22
CA LEU A 107 4.00 6.42 -2.65
C LEU A 107 3.74 5.80 -4.00
N TYR A 108 2.55 5.21 -4.15
CA TYR A 108 2.03 4.78 -5.44
C TYR A 108 0.78 5.61 -5.81
N LEU A 109 0.92 6.47 -6.79
CA LEU A 109 -0.14 7.39 -7.15
C LEU A 109 -0.66 7.10 -8.54
N THR A 110 -1.96 7.07 -8.66
CA THR A 110 -2.60 6.74 -9.92
C THR A 110 -3.61 7.86 -10.19
N PRO A 111 -3.61 8.41 -11.42
CA PRO A 111 -4.51 9.50 -11.78
C PRO A 111 -5.95 9.07 -11.68
N VAL A 112 -6.80 9.93 -11.16
CA VAL A 112 -8.24 9.71 -11.17
C VAL A 112 -8.72 10.07 -12.56
N SER A 113 -9.95 9.68 -12.88
CA SER A 113 -10.51 9.92 -14.24
C SER A 113 -10.52 11.41 -14.66
N SER A 114 -10.85 12.30 -13.73
CA SER A 114 -10.90 13.73 -14.05
C SER A 114 -9.54 14.38 -14.34
N ALA A 115 -8.45 13.64 -14.16
CA ALA A 115 -7.11 14.19 -14.42
C ALA A 115 -6.84 14.22 -15.93
N GLY A 116 -6.21 15.31 -16.37
CA GLY A 116 -5.93 15.53 -17.78
C GLY A 116 -5.17 16.84 -17.90
N GLY A 117 -4.12 16.86 -18.70
CA GLY A 117 -3.24 18.01 -18.76
C GLY A 117 -2.22 17.95 -17.64
N VAL A 118 -1.69 19.11 -17.28
CA VAL A 118 -0.72 19.17 -16.20
C VAL A 118 -1.40 18.89 -14.87
N ALA A 119 -1.29 17.65 -14.42
CA ALA A 119 -1.93 17.22 -13.18
C ALA A 119 -1.07 17.50 -11.93
N ILE A 120 0.23 17.71 -12.12
CA ILE A 120 1.10 18.12 -11.03
C ILE A 120 2.09 19.13 -11.55
N LYS A 121 2.13 20.30 -10.92
CA LYS A 121 3.01 21.37 -11.41
C LYS A 121 4.41 21.25 -10.83
N ALA A 122 5.39 21.55 -11.66
CA ALA A 122 6.77 21.62 -11.21
C ALA A 122 6.89 22.55 -10.02
N GLY A 123 7.66 22.13 -9.03
CA GLY A 123 7.94 22.98 -7.90
C GLY A 123 6.86 23.01 -6.83
N SER A 124 5.67 22.50 -7.13
CA SER A 124 4.54 22.51 -6.17
C SER A 124 4.64 21.43 -5.08
N LEU A 125 4.10 21.75 -3.91
CA LEU A 125 3.97 20.75 -2.85
C LEU A 125 2.99 19.64 -3.21
N ILE A 126 3.42 18.39 -3.10
CA ILE A 126 2.56 17.29 -3.42
C ILE A 126 2.21 16.42 -2.21
N ALA A 127 3.05 16.39 -1.17
CA ALA A 127 2.75 15.54 -0.03
C ALA A 127 3.48 15.99 1.22
N VAL A 128 2.98 15.59 2.39
CA VAL A 128 3.74 15.73 3.63
C VAL A 128 3.77 14.38 4.31
N LEU A 129 4.94 13.89 4.65
CA LEU A 129 5.09 12.64 5.38
C LEU A 129 5.77 12.95 6.70
N ILE A 130 5.09 12.59 7.78
CA ILE A 130 5.62 12.76 9.12
C ILE A 130 6.22 11.48 9.69
N LEU A 131 7.50 11.56 10.02
CA LEU A 131 8.22 10.52 10.72
C LEU A 131 8.18 10.81 12.22
N ARG A 132 7.60 9.87 12.97
CA ARG A 132 7.55 10.00 14.41
C ARG A 132 8.51 9.01 15.07
N GLN A 133 9.37 9.53 15.94
CA GLN A 133 10.45 8.74 16.52
C GLN A 133 10.38 8.74 18.03
N THR A 134 10.41 7.55 18.63
CA THR A 134 10.51 7.38 20.06
C THR A 134 11.64 6.38 20.34
N ASN A 135 11.79 5.97 21.59
CA ASN A 135 12.84 5.03 21.97
C ASN A 135 12.45 4.18 23.19
N ASN A 136 13.38 3.35 23.65
CA ASN A 136 13.16 2.54 24.86
C ASN A 136 14.00 3.02 26.04
N TYR A 137 14.24 4.32 26.10
CA TYR A 137 15.17 4.87 27.07
C TYR A 137 14.53 5.99 27.88
N ASN A 138 13.92 6.96 27.20
CA ASN A 138 13.31 8.07 27.92
C ASN A 138 11.99 8.47 27.24
N SER A 139 11.53 9.68 27.51
CA SER A 139 10.23 10.11 26.97
C SER A 139 10.31 10.84 25.64
N ASP A 140 11.48 10.87 25.00
CA ASP A 140 11.56 11.46 23.66
C ASP A 140 10.45 10.96 22.71
N ASP A 141 9.79 11.93 22.11
CA ASP A 141 8.76 11.62 21.15
C ASP A 141 8.81 12.79 20.16
N PHE A 142 9.47 12.59 19.02
CA PHE A 142 9.83 13.66 18.09
C PHE A 142 9.27 13.47 16.68
N GLN A 143 8.97 14.58 16.02
CA GLN A 143 8.45 14.54 14.69
C GLN A 143 9.46 15.12 13.72
N PHE A 144 9.63 14.39 12.62
CA PHE A 144 10.49 14.78 11.51
C PHE A 144 9.57 14.96 10.33
N VAL A 145 9.39 16.20 9.92
CA VAL A 145 8.37 16.52 8.90
C VAL A 145 9.01 16.75 7.53
N TRP A 146 8.62 15.92 6.57
CA TRP A 146 9.14 15.95 5.24
C TRP A 146 8.10 16.48 4.25
N ASN A 147 8.32 17.70 3.82
CA ASN A 147 7.53 18.29 2.76
C ASN A 147 8.10 17.82 1.45
N ILE A 148 7.24 17.23 0.63
CA ILE A 148 7.66 16.64 -0.62
C ILE A 148 7.20 17.56 -1.71
N TYR A 149 8.13 17.96 -2.58
CA TYR A 149 7.89 18.85 -3.71
C TYR A 149 8.17 18.14 -5.03
N ALA A 150 7.35 18.42 -6.03
CA ALA A 150 7.54 17.94 -7.40
C ALA A 150 8.67 18.65 -8.11
N ASN A 151 9.59 17.88 -8.65
CA ASN A 151 10.66 18.51 -9.42
C ASN A 151 10.14 19.04 -10.74
N ASN A 152 9.21 18.33 -11.35
CA ASN A 152 8.78 18.60 -12.72
C ASN A 152 7.28 18.42 -12.89
N ASP A 153 6.74 19.02 -13.94
CA ASP A 153 5.36 18.80 -14.39
C ASP A 153 5.05 17.34 -14.62
N VAL A 154 3.82 16.95 -14.36
CA VAL A 154 3.42 15.60 -14.72
C VAL A 154 2.14 15.75 -15.52
N VAL A 155 2.09 15.10 -16.67
CA VAL A 155 0.95 15.24 -17.58
C VAL A 155 0.12 13.96 -17.68
N VAL A 156 -1.18 14.09 -17.47
CA VAL A 156 -2.05 12.95 -17.70
C VAL A 156 -2.63 13.11 -19.09
N PRO A 157 -2.24 12.23 -20.04
CA PRO A 157 -2.69 12.35 -21.43
C PRO A 157 -4.19 12.30 -21.50
N THR A 158 -4.77 13.30 -22.16
CA THR A 158 -6.20 13.35 -22.40
C THR A 158 -6.49 12.57 -23.68
N PHE B 1 -20.29 1.68 4.99
CA PHE B 1 -19.57 0.56 4.34
C PHE B 1 -18.26 0.22 5.07
N ALA B 2 -18.18 -1.03 5.51
CA ALA B 2 -16.96 -1.58 6.11
C ALA B 2 -16.81 -3.07 5.78
N CYS B 3 -15.65 -3.61 6.11
CA CYS B 3 -15.33 -5.00 5.80
CA CYS B 3 -15.31 -4.99 5.78
C CYS B 3 -14.66 -5.67 6.98
N LYS B 4 -14.62 -6.99 6.92
CA LYS B 4 -14.04 -7.81 7.96
C LYS B 4 -13.42 -9.03 7.30
N THR B 5 -12.59 -9.73 8.06
CA THR B 5 -11.93 -10.93 7.57
C THR B 5 -12.32 -12.12 8.45
N ALA B 6 -12.12 -13.31 7.91
CA ALA B 6 -12.55 -14.54 8.59
C ALA B 6 -11.66 -14.85 9.80
N ASN B 7 -12.29 -15.15 10.95
CA ASN B 7 -11.61 -15.31 12.25
C ASN B 7 -10.63 -14.15 12.57
N GLY B 8 -11.00 -12.93 12.20
CA GLY B 8 -10.02 -11.91 12.14
C GLY B 8 -10.42 -10.51 12.52
N THR B 9 -10.22 -9.63 11.56
CA THR B 9 -10.20 -8.22 11.86
C THR B 9 -11.29 -7.47 11.10
N ALA B 10 -11.31 -6.16 11.24
CA ALA B 10 -12.16 -5.35 10.40
C ALA B 10 -11.39 -4.15 9.86
N ILE B 11 -11.76 -3.69 8.67
CA ILE B 11 -11.38 -2.35 8.27
C ILE B 11 -12.67 -1.56 8.30
N PRO B 12 -12.76 -0.54 9.15
CA PRO B 12 -13.99 0.21 9.45
C PRO B 12 -14.34 1.30 8.45
N ILE B 13 -15.47 1.94 8.67
CA ILE B 13 -15.94 3.04 7.80
C ILE B 13 -14.79 3.99 7.52
N GLY B 14 -14.62 4.34 6.24
CA GLY B 14 -13.58 5.27 5.85
C GLY B 14 -12.32 4.59 5.38
N GLY B 15 -12.29 3.28 5.48
CA GLY B 15 -11.20 2.51 4.92
C GLY B 15 -10.02 2.42 5.85
N GLY B 16 -8.93 1.90 5.31
CA GLY B 16 -7.75 1.58 6.09
C GLY B 16 -6.97 0.44 5.46
N SER B 17 -6.30 -0.32 6.32
CA SER B 17 -5.38 -1.37 5.92
C SER B 17 -5.57 -2.59 6.85
N ALA B 18 -5.38 -3.80 6.35
CA ALA B 18 -5.38 -4.98 7.21
C ALA B 18 -4.52 -6.07 6.62
N ASN B 19 -4.05 -6.98 7.47
CA ASN B 19 -3.36 -8.17 7.01
C ASN B 19 -4.32 -9.36 6.95
N VAL B 20 -4.20 -10.14 5.88
CA VAL B 20 -4.98 -11.36 5.73
C VAL B 20 -4.01 -12.56 5.60
N TYR B 21 -4.22 -13.58 6.43
CA TYR B 21 -3.38 -14.76 6.49
C TYR B 21 -4.14 -15.94 5.90
N VAL B 22 -3.62 -16.49 4.82
CA VAL B 22 -4.32 -17.54 4.09
C VAL B 22 -3.53 -18.81 4.05
N ASN B 23 -4.24 -19.93 4.16
CA ASN B 23 -3.68 -21.26 3.93
C ASN B 23 -3.63 -21.61 2.47
N LEU B 24 -2.48 -22.07 2.04
CA LEU B 24 -2.21 -22.33 0.63
C LEU B 24 -1.92 -23.81 0.40
N ALA B 25 -2.34 -24.34 -0.74
CA ALA B 25 -1.93 -25.68 -1.11
C ALA B 25 -0.44 -25.83 -0.75
N PRO B 26 -0.07 -26.88 0.00
CA PRO B 26 1.36 -27.06 0.34
C PRO B 26 2.24 -27.46 -0.87
N VAL B 27 1.64 -28.13 -1.83
CA VAL B 27 2.39 -28.58 -3.00
C VAL B 27 1.68 -28.08 -4.25
N VAL B 28 2.42 -27.48 -5.18
CA VAL B 28 1.82 -27.12 -6.46
C VAL B 28 2.81 -27.42 -7.55
N ASN B 29 2.45 -28.38 -8.39
CA ASN B 29 3.30 -28.81 -9.49
C ASN B 29 3.27 -27.88 -10.67
N VAL B 30 4.38 -27.82 -11.39
CA VAL B 30 4.41 -27.12 -12.68
C VAL B 30 3.22 -27.60 -13.53
N GLY B 31 2.42 -26.67 -13.99
CA GLY B 31 1.24 -27.02 -14.76
C GLY B 31 -0.01 -27.19 -13.92
N GLN B 32 0.09 -27.05 -12.59
CA GLN B 32 -1.09 -27.06 -11.72
C GLN B 32 -1.39 -25.66 -11.26
N ASN B 33 -2.57 -25.49 -10.66
CA ASN B 33 -2.98 -24.16 -10.23
C ASN B 33 -3.02 -24.01 -8.74
N LEU B 34 -2.45 -22.94 -8.26
CA LEU B 34 -2.56 -22.53 -6.88
C LEU B 34 -3.68 -21.48 -6.81
N VAL B 35 -4.71 -21.78 -6.04
CA VAL B 35 -5.84 -20.86 -5.96
C VAL B 35 -5.88 -20.19 -4.60
N VAL B 36 -5.97 -18.86 -4.63
CA VAL B 36 -6.06 -18.03 -3.46
C VAL B 36 -7.41 -17.31 -3.48
N ASP B 37 -8.41 -17.92 -2.85
CA ASP B 37 -9.78 -17.41 -2.85
C ASP B 37 -9.93 -16.47 -1.67
N LEU B 38 -10.06 -15.18 -1.96
CA LEU B 38 -10.23 -14.21 -0.91
C LEU B 38 -11.69 -14.13 -0.51
N SER B 39 -12.56 -14.67 -1.37
CA SER B 39 -14.00 -14.55 -1.14
C SER B 39 -14.45 -15.31 0.09
N THR B 40 -13.61 -16.20 0.61
CA THR B 40 -13.91 -16.82 1.90
C THR B 40 -13.20 -16.10 3.01
N GLN B 41 -12.42 -15.07 2.66
CA GLN B 41 -11.58 -14.43 3.66
C GLN B 41 -12.06 -13.04 3.97
N ILE B 42 -12.64 -12.38 2.95
CA ILE B 42 -12.97 -10.95 3.03
C ILE B 42 -14.45 -10.72 2.73
N PHE B 43 -15.13 -10.04 3.65
CA PHE B 43 -16.57 -9.82 3.54
C PHE B 43 -16.82 -8.37 3.84
N CYS B 44 -17.73 -7.77 3.08
CA CYS B 44 -18.06 -6.37 3.21
CA CYS B 44 -18.06 -6.37 3.22
C CYS B 44 -19.57 -6.22 3.31
N HIS B 45 -20.02 -5.09 3.82
CA HIS B 45 -21.43 -4.84 3.90
C HIS B 45 -21.68 -3.35 3.73
N ASN B 46 -22.91 -3.02 3.32
CA ASN B 46 -23.41 -1.67 3.12
C ASN B 46 -24.17 -1.22 4.38
N ASP B 47 -23.87 -0.04 4.93
CA ASP B 47 -24.51 0.34 6.20
C ASP B 47 -25.87 1.03 6.12
N TYR B 48 -26.35 1.35 4.93
CA TYR B 48 -27.68 1.94 4.76
C TYR B 48 -28.20 1.69 3.37
N PRO B 49 -28.44 0.42 3.02
CA PRO B 49 -28.82 0.04 1.66
C PRO B 49 -30.16 0.64 1.19
N GLU B 50 -31.11 0.81 2.10
CA GLU B 50 -32.42 1.35 1.73
C GLU B 50 -32.32 2.71 1.03
N THR B 51 -31.22 3.44 1.26
CA THR B 51 -31.03 4.75 0.62
C THR B 51 -29.71 4.88 -0.15
N ILE B 52 -28.74 4.03 0.16
CA ILE B 52 -27.41 4.17 -0.46
C ILE B 52 -26.99 2.91 -1.20
N THR B 53 -26.38 3.14 -2.36
CA THR B 53 -25.79 2.05 -3.13
C THR B 53 -24.25 2.14 -3.09
N ASP B 54 -23.59 1.10 -2.59
CA ASP B 54 -22.11 1.11 -2.50
C ASP B 54 -21.49 0.45 -3.72
N TYR B 55 -20.44 1.05 -4.28
CA TYR B 55 -19.77 0.49 -5.43
C TYR B 55 -18.35 0.09 -5.02
N VAL B 56 -17.99 -1.16 -5.32
CA VAL B 56 -16.73 -1.72 -4.92
C VAL B 56 -15.99 -2.31 -6.13
N THR B 57 -14.79 -1.80 -6.39
CA THR B 57 -13.89 -2.35 -7.40
C THR B 57 -12.62 -2.93 -6.78
N LEU B 58 -11.88 -3.68 -7.59
CA LEU B 58 -10.52 -4.05 -7.27
C LEU B 58 -9.69 -3.01 -7.98
N GLN B 59 -9.25 -2.01 -7.24
CA GLN B 59 -8.56 -0.88 -7.85
C GLN B 59 -7.26 -1.37 -8.47
N ARG B 60 -6.55 -2.20 -7.72
CA ARG B 60 -5.29 -2.78 -8.17
C ARG B 60 -4.93 -4.00 -7.35
N GLY B 61 -4.44 -5.03 -8.05
CA GLY B 61 -3.85 -6.18 -7.41
C GLY B 61 -2.41 -6.26 -7.82
N SER B 62 -1.52 -6.47 -6.87
CA SER B 62 -0.10 -6.56 -7.19
C SER B 62 0.58 -7.69 -6.38
N ALA B 63 1.67 -8.23 -6.92
CA ALA B 63 2.29 -9.45 -6.38
C ALA B 63 3.61 -9.20 -5.64
N TYR B 64 3.91 -10.05 -4.66
CA TYR B 64 5.13 -9.87 -3.89
C TYR B 64 5.83 -11.20 -3.62
N GLY B 65 7.05 -11.13 -3.11
CA GLY B 65 7.84 -12.32 -2.81
C GLY B 65 7.79 -13.43 -3.84
N GLY B 66 7.62 -14.65 -3.35
CA GLY B 66 7.56 -15.83 -4.18
C GLY B 66 6.47 -15.84 -5.23
N VAL B 67 5.36 -15.17 -5.00
CA VAL B 67 4.34 -15.10 -6.02
C VAL B 67 4.83 -14.23 -7.16
N LEU B 68 5.52 -13.14 -6.80
CA LEU B 68 6.06 -12.24 -7.82
C LEU B 68 7.13 -12.95 -8.64
N SER B 69 7.99 -13.71 -7.97
CA SER B 69 9.14 -14.29 -8.63
C SER B 69 8.85 -15.66 -9.25
N ASN B 70 7.93 -16.43 -8.69
CA ASN B 70 7.79 -17.84 -9.11
C ASN B 70 6.43 -18.22 -9.73
N PHE B 71 5.46 -17.29 -9.77
CA PHE B 71 4.17 -17.61 -10.36
C PHE B 71 3.76 -16.59 -11.42
N SER B 72 2.81 -16.99 -12.25
CA SER B 72 2.19 -16.10 -13.22
C SER B 72 0.73 -16.41 -13.03
N GLY B 73 -0.17 -15.49 -13.31
CA GLY B 73 -1.56 -15.79 -13.04
C GLY B 73 -2.57 -14.77 -13.49
N THR B 74 -3.83 -15.04 -13.18
CA THR B 74 -4.85 -14.03 -13.34
C THR B 74 -5.58 -13.83 -12.02
N VAL B 75 -6.42 -12.80 -11.99
CA VAL B 75 -7.37 -12.61 -10.91
C VAL B 75 -8.79 -12.66 -11.46
N LYS B 76 -9.62 -13.45 -10.80
CA LYS B 76 -11.02 -13.51 -11.13
C LYS B 76 -11.79 -12.62 -10.16
N TYR B 77 -12.48 -11.62 -10.72
CA TYR B 77 -13.31 -10.70 -9.95
C TYR B 77 -14.77 -10.74 -10.39
N SER B 78 -15.62 -11.25 -9.49
CA SER B 78 -17.04 -11.32 -9.78
C SER B 78 -17.26 -11.96 -11.16
N GLY B 79 -16.56 -13.05 -11.42
CA GLY B 79 -16.84 -13.86 -12.59
C GLY B 79 -16.15 -13.47 -13.89
N SER B 80 -15.28 -12.46 -13.88
CA SER B 80 -14.45 -12.15 -15.04
C SER B 80 -12.97 -12.26 -14.68
N SER B 81 -12.13 -12.61 -15.64
CA SER B 81 -10.71 -12.82 -15.37
C SER B 81 -9.92 -11.68 -15.92
N TYR B 82 -8.92 -11.24 -15.16
CA TYR B 82 -8.04 -10.19 -15.57
C TYR B 82 -6.65 -10.65 -15.26
N PRO B 83 -5.66 -10.03 -15.91
CA PRO B 83 -4.24 -10.25 -15.57
C PRO B 83 -3.95 -9.89 -14.10
N PHE B 84 -3.00 -10.63 -13.54
CA PHE B 84 -2.45 -10.34 -12.23
C PHE B 84 -0.94 -10.56 -12.27
N PRO B 85 -0.16 -9.56 -11.82
CA PRO B 85 -0.57 -8.24 -11.37
C PRO B 85 -1.49 -7.53 -12.36
N THR B 86 -2.35 -6.67 -11.84
CA THR B 86 -3.41 -6.02 -12.59
C THR B 86 -2.88 -4.88 -13.43
N THR B 87 -3.61 -4.54 -14.50
CA THR B 87 -3.21 -3.41 -15.36
C THR B 87 -4.26 -2.29 -15.40
N SER B 88 -5.41 -2.53 -14.77
CA SER B 88 -6.37 -1.45 -14.54
C SER B 88 -7.42 -1.82 -13.50
N GLU B 89 -8.20 -0.82 -13.12
CA GLU B 89 -9.33 -1.01 -12.25
C GLU B 89 -10.44 -1.84 -12.91
N THR B 90 -11.01 -2.76 -12.13
CA THR B 90 -12.07 -3.62 -12.59
C THR B 90 -13.41 -2.88 -12.62
N PRO B 91 -14.43 -3.48 -13.26
CA PRO B 91 -15.78 -2.95 -13.12
C PRO B 91 -16.22 -3.02 -11.67
N ARG B 92 -17.37 -2.42 -11.37
CA ARG B 92 -17.84 -2.32 -10.01
C ARG B 92 -18.71 -3.49 -9.63
N VAL B 93 -18.69 -3.81 -8.35
CA VAL B 93 -19.67 -4.70 -7.76
C VAL B 93 -20.46 -3.88 -6.76
N VAL B 94 -21.78 -4.00 -6.84
CA VAL B 94 -22.69 -3.30 -5.95
C VAL B 94 -22.81 -4.05 -4.64
N TYR B 95 -22.73 -3.32 -3.54
CA TYR B 95 -23.07 -3.90 -2.25
C TYR B 95 -24.30 -3.13 -1.84
N ASN B 96 -25.35 -3.86 -1.48
CA ASN B 96 -26.67 -3.28 -1.25
C ASN B 96 -27.44 -4.03 -0.21
N SER B 97 -26.73 -4.66 0.72
CA SER B 97 -27.35 -5.32 1.85
C SER B 97 -26.53 -5.01 3.09
N ARG B 98 -27.16 -5.12 4.26
CA ARG B 98 -26.45 -4.96 5.53
C ARG B 98 -25.78 -6.27 5.95
N THR B 99 -26.03 -7.30 5.15
CA THR B 99 -25.44 -8.61 5.41
C THR B 99 -24.02 -8.70 4.84
N ASP B 100 -23.07 -9.10 5.67
CA ASP B 100 -21.69 -9.35 5.24
C ASP B 100 -21.68 -10.31 4.08
N LYS B 101 -21.26 -9.79 2.92
CA LYS B 101 -21.18 -10.55 1.67
C LYS B 101 -19.72 -10.70 1.21
N PRO B 102 -19.37 -11.82 0.58
CA PRO B 102 -17.97 -11.98 0.14
C PRO B 102 -17.51 -10.95 -0.87
N TRP B 103 -16.24 -10.58 -0.78
CA TRP B 103 -15.57 -9.81 -1.84
C TRP B 103 -15.10 -10.85 -2.83
N PRO B 104 -15.62 -10.80 -4.07
CA PRO B 104 -15.50 -11.96 -4.96
C PRO B 104 -14.18 -11.94 -5.75
N VAL B 105 -13.09 -12.10 -5.01
CA VAL B 105 -11.75 -12.07 -5.56
C VAL B 105 -11.01 -13.38 -5.37
N ALA B 106 -10.40 -13.89 -6.45
CA ALA B 106 -9.57 -15.09 -6.37
C ALA B 106 -8.36 -14.96 -7.27
N LEU B 107 -7.21 -15.42 -6.78
CA LEU B 107 -6.01 -15.47 -7.58
C LEU B 107 -5.79 -16.88 -8.15
N TYR B 108 -5.60 -16.96 -9.45
CA TYR B 108 -5.26 -18.21 -10.10
C TYR B 108 -3.84 -18.16 -10.60
N LEU B 109 -2.96 -18.76 -9.80
CA LEU B 109 -1.52 -18.63 -9.99
C LEU B 109 -0.94 -19.97 -10.35
N THR B 110 0.00 -19.99 -11.29
CA THR B 110 0.65 -21.24 -11.65
C THR B 110 2.17 -21.06 -11.71
N PRO B 111 2.93 -22.09 -11.30
CA PRO B 111 4.40 -21.93 -11.26
C PRO B 111 5.00 -21.59 -12.60
N VAL B 112 5.93 -20.65 -12.65
CA VAL B 112 6.74 -20.49 -13.87
C VAL B 112 7.54 -21.78 -14.05
N SER B 113 7.83 -22.15 -15.29
CA SER B 113 8.31 -23.50 -15.58
C SER B 113 9.67 -23.83 -14.96
N SER B 114 10.38 -22.83 -14.45
CA SER B 114 11.74 -23.09 -13.92
C SER B 114 11.72 -23.14 -12.40
N ALA B 115 10.56 -22.90 -11.80
CA ALA B 115 10.42 -22.93 -10.33
C ALA B 115 10.49 -24.35 -9.75
N GLY B 116 11.12 -24.49 -8.60
CA GLY B 116 11.15 -25.77 -7.93
C GLY B 116 11.59 -25.58 -6.48
N GLY B 117 11.15 -26.45 -5.58
CA GLY B 117 11.43 -26.30 -4.16
C GLY B 117 10.57 -25.24 -3.49
N VAL B 118 11.12 -24.53 -2.50
CA VAL B 118 10.27 -23.59 -1.80
C VAL B 118 10.00 -22.38 -2.68
N ALA B 119 8.77 -22.29 -3.15
CA ALA B 119 8.38 -21.25 -4.09
C ALA B 119 7.75 -20.04 -3.37
N ILE B 120 7.20 -20.26 -2.18
CA ILE B 120 6.57 -19.22 -1.34
C ILE B 120 6.94 -19.57 0.10
N LYS B 121 7.57 -18.64 0.83
CA LYS B 121 7.96 -18.86 2.23
C LYS B 121 6.82 -18.55 3.19
N ALA B 122 6.64 -19.45 4.15
CA ALA B 122 5.63 -19.30 5.19
C ALA B 122 5.78 -17.92 5.80
N GLY B 123 4.67 -17.27 6.15
CA GLY B 123 4.71 -15.94 6.71
C GLY B 123 5.00 -14.78 5.74
N SER B 124 5.34 -15.05 4.49
CA SER B 124 5.73 -13.94 3.62
C SER B 124 4.51 -13.28 2.96
N LEU B 125 4.68 -12.02 2.60
CA LEU B 125 3.73 -11.27 1.82
C LEU B 125 3.71 -11.81 0.38
N ILE B 126 2.51 -12.08 -0.14
CA ILE B 126 2.39 -12.61 -1.49
C ILE B 126 1.62 -11.68 -2.39
N ALA B 127 0.81 -10.82 -1.79
CA ALA B 127 0.00 -9.94 -2.61
C ALA B 127 -0.60 -8.76 -1.84
N VAL B 128 -0.86 -7.66 -2.55
CA VAL B 128 -1.68 -6.58 -2.02
C VAL B 128 -2.88 -6.35 -2.93
N LEU B 129 -4.04 -6.30 -2.31
CA LEU B 129 -5.28 -6.11 -3.03
C LEU B 129 -5.98 -4.89 -2.51
N ILE B 130 -6.22 -3.93 -3.39
CA ILE B 130 -6.84 -2.67 -2.98
C ILE B 130 -8.30 -2.69 -3.35
N LEU B 131 -9.14 -2.68 -2.34
CA LEU B 131 -10.56 -2.59 -2.53
C LEU B 131 -10.89 -1.10 -2.51
N ARG B 132 -11.59 -0.62 -3.54
CA ARG B 132 -12.01 0.77 -3.60
C ARG B 132 -13.52 0.89 -3.52
N GLN B 133 -14.01 1.77 -2.64
CA GLN B 133 -15.44 1.93 -2.42
C GLN B 133 -15.88 3.40 -2.62
N THR B 134 -16.92 3.57 -3.42
CA THR B 134 -17.56 4.86 -3.61
C THR B 134 -19.05 4.60 -3.46
N ASN B 135 -19.88 5.62 -3.64
CA ASN B 135 -21.32 5.43 -3.52
C ASN B 135 -22.10 6.39 -4.40
N ASN B 136 -23.42 6.36 -4.29
CA ASN B 136 -24.29 7.23 -5.09
C ASN B 136 -24.97 8.28 -4.23
N TYR B 137 -24.25 8.83 -3.27
CA TYR B 137 -24.86 9.60 -2.21
C TYR B 137 -23.98 10.79 -1.83
N ASN B 138 -22.66 10.58 -1.81
CA ASN B 138 -21.73 11.67 -1.54
C ASN B 138 -20.41 11.50 -2.27
N SER B 139 -19.36 12.13 -1.74
CA SER B 139 -18.06 12.11 -2.40
C SER B 139 -17.10 11.10 -1.79
N ASP B 140 -17.59 10.27 -0.87
CA ASP B 140 -16.75 9.25 -0.24
C ASP B 140 -16.05 8.42 -1.31
N ASP B 141 -14.74 8.22 -1.13
CA ASP B 141 -13.95 7.43 -2.06
C ASP B 141 -12.82 6.83 -1.25
N PHE B 142 -13.02 5.59 -0.81
CA PHE B 142 -12.21 5.00 0.24
C PHE B 142 -11.45 3.75 -0.23
N GLN B 143 -10.20 3.64 0.23
CA GLN B 143 -9.39 2.46 -0.03
C GLN B 143 -9.35 1.58 1.20
N PHE B 144 -9.54 0.30 0.96
CA PHE B 144 -9.39 -0.77 1.92
C PHE B 144 -8.28 -1.62 1.35
N VAL B 145 -7.16 -1.62 2.05
CA VAL B 145 -5.92 -2.19 1.50
C VAL B 145 -5.60 -3.50 2.20
N TRP B 146 -5.74 -4.61 1.48
CA TRP B 146 -5.50 -5.92 2.03
C TRP B 146 -4.10 -6.43 1.70
N ASN B 147 -3.32 -6.61 2.76
CA ASN B 147 -2.02 -7.23 2.67
C ASN B 147 -2.19 -8.73 2.86
N ILE B 148 -1.92 -9.51 1.82
CA ILE B 148 -2.12 -10.96 1.85
C ILE B 148 -0.84 -11.75 2.16
N TYR B 149 -0.89 -12.54 3.24
CA TYR B 149 0.26 -13.32 3.66
C TYR B 149 0.02 -14.83 3.58
N ALA B 150 1.04 -15.56 3.16
CA ALA B 150 0.98 -17.02 3.18
C ALA B 150 1.18 -17.55 4.60
N ASN B 151 0.37 -18.51 5.00
CA ASN B 151 0.51 -19.11 6.32
C ASN B 151 1.52 -20.24 6.37
N ASN B 152 1.93 -20.70 5.20
CA ASN B 152 2.71 -21.91 5.09
C ASN B 152 3.57 -21.84 3.83
N ASP B 153 4.67 -22.55 3.84
CA ASP B 153 5.48 -22.74 2.64
C ASP B 153 4.64 -23.41 1.56
N VAL B 154 4.89 -23.02 0.32
CA VAL B 154 4.38 -23.74 -0.84
C VAL B 154 5.56 -24.23 -1.65
N VAL B 155 5.58 -25.53 -1.90
CA VAL B 155 6.65 -26.17 -2.62
C VAL B 155 6.25 -26.57 -4.02
N VAL B 156 7.12 -26.30 -4.98
CA VAL B 156 6.87 -26.81 -6.32
C VAL B 156 7.75 -28.04 -6.51
N PRO B 157 7.15 -29.22 -6.42
CA PRO B 157 7.92 -30.47 -6.54
C PRO B 157 8.66 -30.56 -7.86
N THR B 158 9.78 -31.27 -7.83
CA THR B 158 10.63 -31.41 -9.00
C THR B 158 10.70 -32.91 -9.39
C14 XNS C . 23.43 6.91 28.40
O7 XNS C . 21.81 5.17 28.92
C15 XNS C . 22.74 5.87 29.32
O8 XNS C . 23.25 5.80 30.58
C16 XNS C . 22.57 4.82 31.37
C13 XNS C . 23.43 6.51 26.90
C12 XNS C . 24.22 7.59 26.15
C11 XNS C . 23.61 9.00 26.23
C10 XNS C . 22.26 9.10 25.50
C9 XNS C . 21.74 10.54 25.67
C8 XNS C . 20.47 10.87 24.88
C7 XNS C . 20.73 10.77 23.35
O1 XNS C . 19.52 11.10 22.66
C1 XNS C . 19.42 11.13 21.20
C2 XNS C . 17.99 11.48 20.86
O2 XNS C . 17.79 11.53 19.46
C3 XNS C . 17.07 10.35 21.34
O3 XNS C . 15.71 10.63 20.96
C4 XNS C . 17.52 9.09 20.61
O4 XNS C . 16.73 8.01 21.10
C5 XNS C . 18.95 8.79 20.92
O5 XNS C . 19.79 9.88 20.50
C6 XNS C . 19.37 7.49 20.23
O6 XNS C . 19.27 7.64 18.81
S SO4 D . -12.69 8.47 -10.78
O1 SO4 D . -11.55 7.70 -11.28
O2 SO4 D . -13.88 7.63 -10.92
O3 SO4 D . -12.45 8.85 -9.37
O4 SO4 D . -12.86 9.74 -11.49
NI NI E . 24.28 11.16 14.69
C14 XNS F . -30.10 8.65 4.60
O7 XNS F . -29.72 10.97 4.10
C15 XNS F . -30.23 9.91 3.73
O8 XNS F . -30.95 9.81 2.56
C16 XNS F . -30.38 8.91 1.61
C13 XNS F . -28.81 8.73 5.43
C12 XNS F . -28.70 7.51 6.35
C11 XNS F . -27.42 7.65 7.16
C10 XNS F . -26.15 7.61 6.33
C9 XNS F . -24.96 7.85 7.30
C8 XNS F . -23.56 7.76 6.66
C7 XNS F . -23.24 6.33 6.15
O1 XNS F . -21.93 6.33 5.55
C1 XNS F . -21.12 5.14 5.59
C2 XNS F . -19.86 5.36 4.78
O2 XNS F . -19.06 4.19 4.82
C3 XNS F . -20.29 5.64 3.31
O3 XNS F . -19.15 5.79 2.43
C4 XNS F . -21.06 4.45 2.80
O4 XNS F . -21.42 4.69 1.46
C5 XNS F . -22.31 4.25 3.67
O5 XNS F . -21.89 4.01 5.05
C6 XNS F . -23.22 3.13 3.17
O6 XNS F . -22.56 1.87 3.24
NI NI G . -21.85 -1.68 9.65
#